data_3BER
#
_entry.id   3BER
#
_cell.length_a   93.050
_cell.length_b   70.370
_cell.length_c   35.860
_cell.angle_alpha   90.00
_cell.angle_beta   90.70
_cell.angle_gamma   90.00
#
_symmetry.space_group_name_H-M   'C 1 2 1'
#
loop_
_entity.id
_entity.type
_entity.pdbx_description
1 polymer 'Probable ATP-dependent RNA helicase DDX47'
2 non-polymer 'PHOSPHATE ION'
3 non-polymer 'ADENOSINE MONOPHOSPHATE'
4 non-polymer 'TRIETHYLENE GLYCOL'
5 water water
#
_entity_poly.entity_id   1
_entity_poly.type   'polypeptide(L)'
_entity_poly.pdbx_seq_one_letter_code
;MHHHHHHSSGVDLGTENLYFQSMEEHDSPTEASQPIVEEEETKTFKDLGVTDVLCEACDQLGWTKPTKIQIEAIPLALQG
RDIIGLAETGSGKTGAFALPILNALLETPQRLFALVLTPTRELAFQISEQFEALGSSIGVQSAVIVGGIDSMSQSLALAK
KPHIIIATPGRLIDHLENTKGFNLRALKYLVMDEADRILNMDFETEVDKILKVIPRDRKTFLFSATMTKKVQKLQRAALK
NPVKCAVSS
;
_entity_poly.pdbx_strand_id   A
#
# COMPACT_ATOMS: atom_id res chain seq x y z
N THR A 30 -16.91 -1.77 14.13
CA THR A 30 -16.23 -1.42 12.85
C THR A 30 -14.93 -0.60 12.95
N GLU A 31 -14.72 0.06 14.09
CA GLU A 31 -13.59 1.00 14.24
C GLU A 31 -12.46 0.45 15.11
N ALA A 32 -11.22 0.71 14.70
CA ALA A 32 -10.03 0.33 15.47
C ALA A 32 -9.95 1.12 16.78
N SER A 33 -9.31 0.48 17.76
CA SER A 33 -9.04 1.10 19.07
C SER A 33 -7.98 2.18 18.94
N GLN A 34 -8.33 3.42 19.21
CA GLN A 34 -7.32 4.49 19.14
C GLN A 34 -6.28 4.27 20.24
N PRO A 35 -4.98 4.33 19.92
CA PRO A 35 -3.96 4.14 20.95
C PRO A 35 -3.96 5.28 21.95
N ILE A 36 -3.83 4.95 23.23
CA ILE A 36 -3.79 6.00 24.25
C ILE A 36 -2.36 6.26 24.66
N VAL A 37 -2.16 7.24 25.54
CA VAL A 37 -0.81 7.77 25.76
C VAL A 37 0.17 6.66 26.18
N GLU A 38 -0.22 5.81 27.14
CA GLU A 38 0.64 4.74 27.65
CA GLU A 38 0.74 4.83 27.62
C GLU A 38 1.06 3.80 26.53
N GLU A 39 0.14 3.54 25.62
CA GLU A 39 0.47 2.63 24.50
C GLU A 39 1.42 3.30 23.52
N GLU A 40 1.21 4.56 23.19
CA GLU A 40 2.21 5.23 22.34
C GLU A 40 3.61 5.15 22.97
N GLU A 41 3.68 5.29 24.30
CA GLU A 41 4.96 5.28 24.99
C GLU A 41 5.64 3.94 25.04
N THR A 42 4.89 2.84 24.88
CA THR A 42 5.47 1.53 25.15
C THR A 42 5.38 0.50 24.02
N LYS A 43 4.44 0.65 23.08
CA LYS A 43 4.29 -0.38 22.03
C LYS A 43 5.54 -0.47 21.17
N THR A 44 5.91 -1.69 20.80
CA THR A 44 6.99 -1.95 19.85
C THR A 44 6.43 -2.56 18.55
N PHE A 45 7.25 -2.53 17.49
CA PHE A 45 6.83 -3.23 16.29
C PHE A 45 6.64 -4.74 16.53
N LYS A 46 7.49 -5.35 17.36
CA LYS A 46 7.32 -6.74 17.69
C LYS A 46 5.97 -6.99 18.35
N ASP A 47 5.55 -6.06 19.25
CA ASP A 47 4.26 -6.19 19.92
C ASP A 47 3.12 -6.25 18.90
N LEU A 48 3.33 -5.54 17.78
CA LEU A 48 2.28 -5.49 16.72
C LEU A 48 2.20 -6.76 15.88
N GLY A 49 3.18 -7.65 16.05
CA GLY A 49 3.25 -8.92 15.31
C GLY A 49 4.24 -8.94 14.18
N VAL A 50 5.00 -7.87 14.00
CA VAL A 50 5.94 -7.77 12.90
C VAL A 50 7.06 -8.79 13.11
N THR A 51 7.39 -9.54 12.06
CA THR A 51 8.45 -10.55 12.13
C THR A 51 9.82 -9.92 12.43
N ASP A 52 10.70 -10.74 13.04
CA ASP A 52 11.99 -10.23 13.51
C ASP A 52 12.83 -9.49 12.47
N VAL A 53 12.91 -10.03 11.25
CA VAL A 53 13.79 -9.38 10.28
C VAL A 53 13.26 -7.99 9.89
N LEU A 54 11.94 -7.82 9.95
CA LEU A 54 11.34 -6.51 9.68
C LEU A 54 11.45 -5.53 10.86
N CYS A 55 11.41 -6.05 12.10
CA CYS A 55 11.71 -5.22 13.27
C CYS A 55 13.14 -4.64 13.17
N GLU A 56 14.07 -5.48 12.71
CA GLU A 56 15.45 -5.01 12.50
C GLU A 56 15.55 -3.95 11.41
N ALA A 57 14.80 -4.13 10.31
CA ALA A 57 14.77 -3.12 9.25
C ALA A 57 14.22 -1.78 9.76
N CYS A 58 13.19 -1.84 10.62
CA CYS A 58 12.67 -0.63 11.28
C CYS A 58 13.75 0.10 12.09
N ASP A 59 14.44 -0.65 12.94
CA ASP A 59 15.53 -0.12 13.75
C ASP A 59 16.61 0.52 12.88
N GLN A 60 16.98 -0.16 11.79
CA GLN A 60 18.01 0.33 10.88
C GLN A 60 17.61 1.62 10.18
N LEU A 61 16.29 1.85 10.09
CA LEU A 61 15.76 3.06 9.49
C LEU A 61 15.55 4.15 10.54
N GLY A 62 15.75 3.81 11.81
CA GLY A 62 15.48 4.74 12.90
C GLY A 62 14.00 4.85 13.21
N TRP A 63 13.23 3.81 12.85
CA TRP A 63 11.84 3.67 13.28
C TRP A 63 11.83 2.87 14.58
N THR A 64 12.08 3.55 15.69
CA THR A 64 12.23 2.84 16.96
C THR A 64 10.92 2.72 17.72
N LYS A 65 9.93 3.57 17.39
CA LYS A 65 8.57 3.41 17.93
C LYS A 65 7.56 3.52 16.78
N PRO A 66 6.56 2.63 16.79
CA PRO A 66 5.51 2.71 15.77
C PRO A 66 4.64 3.93 15.98
N THR A 67 4.13 4.51 14.92
CA THR A 67 3.17 5.60 15.01
C THR A 67 1.77 5.04 15.34
N LYS A 68 0.85 5.96 15.64
CA LYS A 68 -0.51 5.51 16.00
C LYS A 68 -1.22 4.76 14.88
N ILE A 69 -1.09 5.22 13.63
CA ILE A 69 -1.73 4.50 12.51
C ILE A 69 -1.11 3.11 12.34
N GLN A 70 0.20 3.02 12.60
CA GLN A 70 0.88 1.74 12.59
C GLN A 70 0.38 0.82 13.72
N ILE A 71 0.24 1.38 14.92
N ILE A 71 0.26 1.36 14.93
CA ILE A 71 -0.29 0.59 16.02
CA ILE A 71 -0.29 0.55 16.02
C ILE A 71 -1.71 0.08 15.73
C ILE A 71 -1.72 0.07 15.73
N GLU A 72 -2.55 0.95 15.17
CA GLU A 72 -3.92 0.53 14.79
C GLU A 72 -3.95 -0.52 13.69
N ALA A 73 -3.29 -0.24 12.57
CA ALA A 73 -3.54 -1.00 11.36
C ALA A 73 -2.71 -2.27 11.27
N ILE A 74 -1.48 -2.27 11.80
CA ILE A 74 -0.61 -3.40 11.53
C ILE A 74 -1.15 -4.73 12.11
N PRO A 75 -1.54 -4.76 13.40
CA PRO A 75 -2.03 -6.07 13.89
C PRO A 75 -3.25 -6.57 13.12
N LEU A 76 -4.16 -5.66 12.77
CA LEU A 76 -5.39 -6.01 12.06
C LEU A 76 -5.06 -6.53 10.66
N ALA A 77 -4.14 -5.86 9.97
CA ALA A 77 -3.73 -6.28 8.64
C ALA A 77 -3.04 -7.65 8.72
N LEU A 78 -2.20 -7.86 9.74
CA LEU A 78 -1.52 -9.15 9.86
C LEU A 78 -2.50 -10.29 10.12
N GLN A 79 -3.64 -9.98 10.74
CA GLN A 79 -4.73 -10.95 10.93
C GLN A 79 -5.52 -11.16 9.63
N GLY A 80 -5.27 -10.34 8.61
CA GLY A 80 -5.95 -10.53 7.31
C GLY A 80 -7.11 -9.60 7.06
N ARG A 81 -7.30 -8.57 7.90
CA ARG A 81 -8.40 -7.61 7.73
C ARG A 81 -8.08 -6.55 6.67
N ASP A 82 -9.10 -6.18 5.89
CA ASP A 82 -9.05 -4.97 5.06
C ASP A 82 -9.05 -3.75 5.96
N ILE A 83 -8.44 -2.66 5.50
CA ILE A 83 -8.22 -1.48 6.31
C ILE A 83 -8.68 -0.22 5.59
N ILE A 84 -9.47 0.63 6.27
CA ILE A 84 -9.63 1.98 5.80
CA ILE A 84 -9.67 2.02 5.85
C ILE A 84 -8.92 2.87 6.81
N GLY A 85 -7.94 3.61 6.35
CA GLY A 85 -7.14 4.50 7.23
C GLY A 85 -7.45 5.95 6.95
N LEU A 86 -7.93 6.70 7.96
CA LEU A 86 -8.13 8.12 7.80
C LEU A 86 -6.92 8.78 8.44
N ALA A 87 -6.01 9.26 7.63
CA ALA A 87 -4.67 9.68 8.08
C ALA A 87 -3.99 10.45 6.95
N GLU A 88 -3.02 11.31 7.28
CA GLU A 88 -2.27 12.06 6.25
C GLU A 88 -0.78 11.88 6.37
N THR A 89 0.00 12.38 5.39
CA THR A 89 1.45 12.21 5.43
C THR A 89 1.93 12.82 6.72
N GLY A 90 2.94 12.19 7.31
CA GLY A 90 3.39 12.60 8.61
C GLY A 90 2.87 11.65 9.65
N SER A 91 1.80 10.90 9.37
CA SER A 91 1.27 9.91 10.32
C SER A 91 2.02 8.58 10.31
N GLY A 92 2.79 8.32 9.24
CA GLY A 92 3.41 7.01 9.12
C GLY A 92 2.49 6.00 8.41
N LYS A 93 1.57 6.50 7.59
CA LYS A 93 0.67 5.60 6.89
C LYS A 93 1.38 4.65 5.94
N THR A 94 2.48 5.08 5.31
CA THR A 94 3.16 4.16 4.42
C THR A 94 3.64 2.91 5.13
N GLY A 95 4.29 3.05 6.31
CA GLY A 95 4.72 1.88 7.05
C GLY A 95 3.56 1.01 7.51
N ALA A 96 2.40 1.63 7.76
CA ALA A 96 1.19 0.89 8.17
C ALA A 96 0.74 -0.11 7.11
N PHE A 97 0.95 0.18 5.81
CA PHE A 97 0.69 -0.84 4.78
C PHE A 97 1.94 -1.58 4.30
N ALA A 98 3.08 -0.90 4.25
CA ALA A 98 4.28 -1.59 3.76
C ALA A 98 4.71 -2.73 4.67
N LEU A 99 4.65 -2.53 5.99
CA LEU A 99 5.11 -3.57 6.91
C LEU A 99 4.26 -4.82 6.79
N PRO A 100 2.93 -4.72 6.86
CA PRO A 100 2.16 -5.96 6.65
C PRO A 100 2.37 -6.64 5.30
N ILE A 101 2.50 -5.85 4.23
CA ILE A 101 2.74 -6.45 2.91
C ILE A 101 4.07 -7.20 2.90
N LEU A 102 5.14 -6.60 3.43
CA LEU A 102 6.43 -7.26 3.45
C LEU A 102 6.41 -8.47 4.38
N ASN A 103 5.65 -8.39 5.46
CA ASN A 103 5.55 -9.52 6.37
C ASN A 103 4.95 -10.73 5.66
N ALA A 104 3.87 -10.49 4.92
CA ALA A 104 3.18 -11.55 4.17
C ALA A 104 4.04 -12.06 3.03
N LEU A 105 4.76 -11.14 2.38
CA LEU A 105 5.63 -11.53 1.29
C LEU A 105 6.70 -12.49 1.78
N LEU A 106 7.27 -12.21 2.96
CA LEU A 106 8.25 -13.14 3.54
C LEU A 106 7.67 -14.52 3.85
N GLU A 107 6.41 -14.56 4.28
CA GLU A 107 5.73 -15.82 4.60
C GLU A 107 5.45 -16.63 3.33
N THR A 108 5.03 -15.95 2.26
CA THR A 108 4.68 -16.63 1.02
C THR A 108 5.25 -15.84 -0.16
N PRO A 109 6.56 -15.98 -0.45
CA PRO A 109 7.15 -15.24 -1.56
C PRO A 109 6.43 -15.47 -2.88
N GLN A 110 6.13 -14.37 -3.57
CA GLN A 110 5.45 -14.42 -4.86
C GLN A 110 5.79 -13.12 -5.59
N ARG A 111 6.04 -13.21 -6.89
CA ARG A 111 6.19 -11.98 -7.69
C ARG A 111 4.80 -11.41 -8.01
N LEU A 112 4.76 -10.12 -8.35
CA LEU A 112 3.52 -9.42 -8.70
C LEU A 112 2.48 -9.61 -7.57
N PHE A 113 2.95 -9.28 -6.37
CA PHE A 113 2.24 -9.56 -5.11
C PHE A 113 1.37 -8.41 -4.65
N ALA A 114 1.86 -7.18 -4.79
CA ALA A 114 1.13 -6.01 -4.25
C ALA A 114 1.17 -4.86 -5.26
N LEU A 115 0.04 -4.16 -5.36
CA LEU A 115 -0.11 -2.93 -6.13
C LEU A 115 -0.49 -1.81 -5.20
N VAL A 116 0.25 -0.72 -5.30
CA VAL A 116 -0.07 0.49 -4.58
C VAL A 116 -0.40 1.58 -5.60
N LEU A 117 -1.61 2.12 -5.52
CA LEU A 117 -2.02 3.22 -6.39
C LEU A 117 -1.90 4.55 -5.68
N THR A 118 -1.40 5.55 -6.41
CA THR A 118 -1.21 6.89 -5.87
C THR A 118 -1.82 7.93 -6.80
N PRO A 119 -2.13 9.13 -6.28
CA PRO A 119 -2.65 10.18 -7.15
C PRO A 119 -1.58 10.88 -8.00
N THR A 120 -0.32 10.82 -7.54
CA THR A 120 0.75 11.61 -8.11
C THR A 120 2.01 10.79 -8.22
N ARG A 121 2.87 11.20 -9.15
CA ARG A 121 4.16 10.54 -9.32
C ARG A 121 5.08 10.79 -8.13
N GLU A 122 5.00 11.97 -7.53
CA GLU A 122 5.85 12.21 -6.37
C GLU A 122 5.53 11.27 -5.21
N LEU A 123 4.24 11.04 -4.96
CA LEU A 123 3.93 10.12 -3.88
C LEU A 123 4.38 8.69 -4.21
N ALA A 124 4.27 8.27 -5.48
CA ALA A 124 4.76 6.97 -5.87
C ALA A 124 6.25 6.80 -5.57
N PHE A 125 7.05 7.81 -5.90
CA PHE A 125 8.51 7.70 -5.61
C PHE A 125 8.76 7.71 -4.11
N GLN A 126 8.00 8.50 -3.35
CA GLN A 126 8.17 8.52 -1.89
C GLN A 126 7.84 7.16 -1.26
N ILE A 127 6.74 6.53 -1.72
CA ILE A 127 6.38 5.19 -1.24
C ILE A 127 7.46 4.16 -1.62
N SER A 128 7.94 4.19 -2.85
N SER A 128 7.92 4.21 -2.86
CA SER A 128 8.99 3.26 -3.26
CA SER A 128 9.00 3.35 -3.33
C SER A 128 10.25 3.40 -2.42
C SER A 128 10.23 3.41 -2.44
N GLU A 129 10.61 4.62 -2.06
CA GLU A 129 11.76 4.83 -1.18
C GLU A 129 11.60 4.06 0.14
N GLN A 130 10.38 4.06 0.70
CA GLN A 130 10.15 3.37 1.96
C GLN A 130 10.14 1.87 1.76
N PHE A 131 9.54 1.36 0.69
CA PHE A 131 9.59 -0.10 0.45
C PHE A 131 11.03 -0.56 0.24
N GLU A 132 11.81 0.22 -0.50
CA GLU A 132 13.20 -0.15 -0.76
CA GLU A 132 13.21 -0.12 -0.75
C GLU A 132 13.98 -0.12 0.56
N ALA A 133 13.78 0.93 1.36
CA ALA A 133 14.47 1.04 2.67
C ALA A 133 14.14 -0.14 3.60
N LEU A 134 12.89 -0.58 3.58
CA LEU A 134 12.48 -1.66 4.46
C LEU A 134 12.83 -3.04 3.91
N GLY A 135 12.83 -3.16 2.59
CA GLY A 135 12.86 -4.48 1.93
C GLY A 135 14.03 -4.83 1.01
N SER A 136 14.80 -3.84 0.56
CA SER A 136 15.88 -4.12 -0.38
C SER A 136 16.87 -5.18 0.12
N SER A 137 17.19 -5.12 1.41
CA SER A 137 18.14 -6.04 2.03
C SER A 137 17.63 -7.49 2.14
N ILE A 138 16.31 -7.67 2.18
CA ILE A 138 15.70 -9.00 2.13
C ILE A 138 15.36 -9.41 0.68
N GLY A 139 15.78 -8.59 -0.28
CA GLY A 139 15.62 -8.92 -1.70
C GLY A 139 14.30 -8.58 -2.37
N VAL A 140 13.51 -7.72 -1.73
CA VAL A 140 12.22 -7.31 -2.29
C VAL A 140 12.47 -6.34 -3.46
N GLN A 141 11.80 -6.60 -4.57
CA GLN A 141 11.92 -5.74 -5.76
C GLN A 141 10.65 -4.97 -6.00
N SER A 142 10.82 -3.67 -6.21
N SER A 142 10.79 -3.66 -6.21
CA SER A 142 9.71 -2.78 -6.50
CA SER A 142 9.65 -2.77 -6.46
C SER A 142 9.89 -2.18 -7.88
C SER A 142 9.88 -1.97 -7.74
N ALA A 143 8.78 -1.73 -8.47
CA ALA A 143 8.82 -0.93 -9.73
C ALA A 143 7.85 0.19 -9.61
N VAL A 144 8.30 1.39 -9.92
CA VAL A 144 7.45 2.56 -10.00
C VAL A 144 6.97 2.74 -11.45
N ILE A 145 5.66 2.96 -11.63
CA ILE A 145 5.05 3.08 -12.94
C ILE A 145 4.22 4.36 -12.96
N VAL A 146 4.85 5.43 -13.48
CA VAL A 146 4.27 6.76 -13.44
C VAL A 146 4.52 7.48 -14.75
N GLY A 147 3.82 8.60 -14.93
CA GLY A 147 4.05 9.45 -16.09
C GLY A 147 5.41 10.11 -16.08
N GLY A 148 5.80 10.63 -17.25
CA GLY A 148 7.05 11.34 -17.38
C GLY A 148 8.28 10.46 -17.57
N ILE A 149 8.05 9.16 -17.77
CA ILE A 149 9.12 8.17 -17.90
C ILE A 149 8.88 7.35 -19.15
N ASP A 150 9.94 7.07 -19.91
CA ASP A 150 9.81 6.29 -21.13
C ASP A 150 9.17 4.92 -20.87
N SER A 151 8.27 4.53 -21.74
CA SER A 151 7.55 3.30 -21.53
C SER A 151 8.41 2.04 -21.63
N MET A 152 9.49 2.08 -22.39
N MET A 152 9.51 2.13 -22.37
CA MET A 152 10.26 0.85 -22.58
CA MET A 152 10.38 0.98 -22.62
C MET A 152 11.05 0.43 -21.33
C MET A 152 11.02 0.46 -21.34
N SER A 153 11.48 1.37 -20.48
CA SER A 153 12.10 0.96 -19.21
C SER A 153 11.04 0.36 -18.32
N GLN A 154 9.83 0.93 -18.36
CA GLN A 154 8.76 0.43 -17.52
C GLN A 154 8.32 -0.94 -17.97
N SER A 155 8.18 -1.17 -19.28
N SER A 155 8.18 -1.15 -19.28
CA SER A 155 7.81 -2.50 -19.74
CA SER A 155 7.85 -2.47 -19.79
C SER A 155 8.84 -3.56 -19.35
C SER A 155 8.84 -3.54 -19.33
N LEU A 156 10.13 -3.22 -19.44
CA LEU A 156 11.14 -4.12 -18.99
C LEU A 156 11.03 -4.41 -17.48
N ALA A 157 10.86 -3.36 -16.67
CA ALA A 157 10.71 -3.56 -15.23
C ALA A 157 9.53 -4.47 -14.93
N LEU A 158 8.43 -4.36 -15.66
CA LEU A 158 7.32 -5.24 -15.43
C LEU A 158 7.59 -6.67 -15.88
N ALA A 159 8.29 -6.83 -17.00
CA ALA A 159 8.67 -8.19 -17.45
C ALA A 159 9.52 -8.88 -16.42
N LYS A 160 10.29 -8.13 -15.64
CA LYS A 160 11.15 -8.69 -14.59
C LYS A 160 10.34 -9.11 -13.34
N LYS A 161 9.02 -8.92 -13.36
CA LYS A 161 8.14 -9.48 -12.30
C LYS A 161 8.52 -8.97 -10.92
N PRO A 162 8.43 -7.68 -10.68
CA PRO A 162 8.71 -7.13 -9.35
C PRO A 162 7.72 -7.68 -8.33
N HIS A 163 8.12 -7.71 -7.06
CA HIS A 163 7.14 -8.06 -6.00
C HIS A 163 6.07 -6.99 -5.81
N ILE A 164 6.48 -5.72 -5.90
CA ILE A 164 5.59 -4.59 -5.59
C ILE A 164 5.54 -3.67 -6.80
N ILE A 165 4.37 -3.20 -7.18
CA ILE A 165 4.22 -2.15 -8.20
C ILE A 165 3.61 -0.94 -7.54
N ILE A 166 4.20 0.22 -7.73
CA ILE A 166 3.66 1.48 -7.19
C ILE A 166 3.39 2.36 -8.39
N ALA A 167 2.13 2.74 -8.61
CA ALA A 167 1.73 3.34 -9.89
C ALA A 167 0.69 4.41 -9.71
N THR A 168 0.66 5.35 -10.66
CA THR A 168 -0.51 6.19 -10.85
C THR A 168 -1.47 5.45 -11.81
N PRO A 169 -2.77 5.70 -11.68
CA PRO A 169 -3.74 4.83 -12.37
C PRO A 169 -3.70 4.84 -13.88
N GLY A 170 -3.52 6.02 -14.48
CA GLY A 170 -3.47 6.10 -15.95
C GLY A 170 -2.29 5.37 -16.52
N ARG A 171 -1.12 5.53 -15.90
CA ARG A 171 0.07 4.84 -16.43
C ARG A 171 -0.06 3.34 -16.23
N LEU A 172 -0.64 2.90 -15.12
CA LEU A 172 -0.86 1.46 -14.98
C LEU A 172 -1.75 0.92 -16.08
N ILE A 173 -2.84 1.62 -16.39
CA ILE A 173 -3.72 1.14 -17.45
CA ILE A 173 -3.76 1.23 -17.46
C ILE A 173 -3.03 1.18 -18.81
N ASP A 174 -2.13 2.15 -19.06
CA ASP A 174 -1.36 2.09 -20.32
C ASP A 174 -0.68 0.73 -20.45
N HIS A 175 -0.03 0.27 -19.38
CA HIS A 175 0.66 -1.03 -19.41
C HIS A 175 -0.30 -2.21 -19.46
N LEU A 176 -1.43 -2.13 -18.74
CA LEU A 176 -2.39 -3.26 -18.81
C LEU A 176 -2.93 -3.40 -20.22
N GLU A 177 -3.08 -2.30 -20.93
CA GLU A 177 -3.61 -2.33 -22.30
C GLU A 177 -2.54 -2.72 -23.32
N ASN A 178 -1.30 -2.27 -23.13
CA ASN A 178 -0.34 -2.30 -24.24
C ASN A 178 0.88 -3.14 -24.03
N THR A 179 1.19 -3.48 -22.78
CA THR A 179 2.44 -4.23 -22.50
C THR A 179 2.17 -5.72 -22.55
N LYS A 180 2.75 -6.38 -23.56
CA LYS A 180 2.50 -7.79 -23.79
C LYS A 180 2.82 -8.60 -22.55
N GLY A 181 1.90 -9.48 -22.16
CA GLY A 181 2.17 -10.38 -21.04
C GLY A 181 1.99 -9.79 -19.65
N PHE A 182 1.71 -8.50 -19.56
CA PHE A 182 1.54 -7.86 -18.25
C PHE A 182 0.08 -7.96 -17.80
N ASN A 183 -0.10 -8.50 -16.59
CA ASN A 183 -1.41 -8.57 -15.98
C ASN A 183 -1.25 -8.63 -14.45
N LEU A 184 -2.37 -8.48 -13.76
CA LEU A 184 -2.38 -8.42 -12.30
C LEU A 184 -3.12 -9.61 -11.70
N ARG A 185 -3.15 -10.75 -12.39
CA ARG A 185 -3.96 -11.89 -11.92
C ARG A 185 -3.41 -12.51 -10.64
N ALA A 186 -2.12 -12.29 -10.38
CA ALA A 186 -1.41 -12.84 -9.23
C ALA A 186 -1.55 -12.00 -7.95
N LEU A 187 -2.14 -10.81 -8.04
CA LEU A 187 -2.14 -9.86 -6.93
CA LEU A 187 -2.07 -9.89 -6.89
C LEU A 187 -2.73 -10.42 -5.65
N LYS A 188 -2.04 -10.21 -4.52
CA LYS A 188 -2.59 -10.54 -3.21
C LYS A 188 -2.96 -9.34 -2.38
N TYR A 189 -2.42 -8.17 -2.71
CA TYR A 189 -2.64 -6.93 -1.97
C TYR A 189 -2.89 -5.78 -2.92
N LEU A 190 -3.85 -4.93 -2.57
CA LEU A 190 -4.08 -3.65 -3.22
C LEU A 190 -4.09 -2.58 -2.16
N VAL A 191 -3.40 -1.50 -2.43
CA VAL A 191 -3.44 -0.29 -1.60
C VAL A 191 -3.86 0.89 -2.46
N MET A 192 -4.83 1.69 -2.00
CA MET A 192 -5.13 2.97 -2.63
C MET A 192 -4.78 4.05 -1.63
N ASP A 193 -3.67 4.74 -1.89
CA ASP A 193 -3.17 5.73 -0.95
C ASP A 193 -3.62 7.12 -1.42
N GLU A 194 -4.04 7.94 -0.47
CA GLU A 194 -4.66 9.25 -0.75
C GLU A 194 -5.81 9.13 -1.73
N ALA A 195 -6.77 8.26 -1.40
CA ALA A 195 -7.84 7.96 -2.32
C ALA A 195 -8.72 9.15 -2.59
N ASP A 196 -8.85 10.04 -1.60
CA ASP A 196 -9.61 11.27 -1.84
C ASP A 196 -8.97 12.08 -2.99
N ARG A 197 -7.63 12.17 -2.97
CA ARG A 197 -6.90 12.88 -4.01
C ARG A 197 -6.95 12.12 -5.34
N ILE A 198 -6.90 10.79 -5.32
CA ILE A 198 -7.03 10.01 -6.56
C ILE A 198 -8.34 10.38 -7.24
N LEU A 199 -9.42 10.42 -6.47
CA LEU A 199 -10.74 10.72 -7.08
C LEU A 199 -10.82 12.19 -7.50
N ASN A 200 -10.25 13.06 -6.67
CA ASN A 200 -10.30 14.50 -6.96
C ASN A 200 -9.47 14.85 -8.19
N MET A 201 -8.53 13.98 -8.57
CA MET A 201 -7.70 14.16 -9.76
C MET A 201 -8.22 13.45 -10.99
N ASP A 202 -9.48 13.02 -10.90
CA ASP A 202 -10.26 12.56 -12.06
C ASP A 202 -9.90 11.16 -12.53
N PHE A 203 -9.44 10.33 -11.58
CA PHE A 203 -9.07 8.95 -11.90
C PHE A 203 -10.19 7.94 -11.58
N GLU A 204 -11.43 8.38 -11.40
CA GLU A 204 -12.53 7.48 -11.07
C GLU A 204 -12.66 6.33 -12.06
N THR A 205 -12.67 6.61 -13.34
CA THR A 205 -12.80 5.56 -14.38
C THR A 205 -11.62 4.63 -14.39
N GLU A 206 -10.40 5.18 -14.25
CA GLU A 206 -9.21 4.35 -14.31
C GLU A 206 -9.24 3.40 -13.09
N VAL A 207 -9.58 3.92 -11.93
CA VAL A 207 -9.64 3.04 -10.75
C VAL A 207 -10.70 1.94 -10.96
N ASP A 208 -11.87 2.29 -11.46
CA ASP A 208 -12.92 1.29 -11.71
C ASP A 208 -12.44 0.24 -12.69
N LYS A 209 -11.74 0.64 -13.74
CA LYS A 209 -11.19 -0.29 -14.72
C LYS A 209 -10.18 -1.23 -14.07
N ILE A 210 -9.28 -0.69 -13.24
CA ILE A 210 -8.32 -1.55 -12.56
C ILE A 210 -9.03 -2.55 -11.64
N LEU A 211 -10.08 -2.12 -10.93
CA LEU A 211 -10.79 -3.03 -10.04
C LEU A 211 -11.41 -4.19 -10.78
N LYS A 212 -11.69 -4.04 -12.07
CA LYS A 212 -12.26 -5.13 -12.86
C LYS A 212 -11.25 -6.18 -13.29
N VAL A 213 -9.96 -5.84 -13.28
CA VAL A 213 -8.96 -6.76 -13.81
C VAL A 213 -7.93 -7.17 -12.79
N ILE A 214 -8.33 -7.11 -11.52
CA ILE A 214 -7.55 -7.71 -10.42
C ILE A 214 -8.39 -8.79 -9.74
N PRO A 215 -7.75 -9.67 -8.94
CA PRO A 215 -8.53 -10.68 -8.23
C PRO A 215 -9.38 -10.10 -7.14
N ARG A 216 -10.56 -10.68 -6.96
CA ARG A 216 -11.38 -10.34 -5.81
C ARG A 216 -10.76 -10.84 -4.50
N ASP A 217 -10.09 -11.98 -4.55
CA ASP A 217 -9.54 -12.60 -3.36
C ASP A 217 -8.18 -12.01 -3.08
N ARG A 218 -8.20 -10.94 -2.28
CA ARG A 218 -7.00 -10.15 -2.01
C ARG A 218 -7.26 -9.43 -0.69
N LYS A 219 -6.22 -8.83 -0.17
CA LYS A 219 -6.34 -7.91 0.97
C LYS A 219 -6.23 -6.49 0.43
N THR A 220 -7.02 -5.59 0.96
CA THR A 220 -7.07 -4.20 0.45
C THR A 220 -6.96 -3.19 1.58
N PHE A 221 -6.15 -2.17 1.33
CA PHE A 221 -6.09 -0.98 2.18
C PHE A 221 -6.54 0.24 1.39
N LEU A 222 -7.24 1.17 2.03
CA LEU A 222 -7.57 2.45 1.44
C LEU A 222 -7.21 3.51 2.47
N PHE A 223 -6.40 4.47 2.08
CA PHE A 223 -6.09 5.62 2.96
C PHE A 223 -6.62 6.89 2.37
N SER A 224 -7.19 7.77 3.21
CA SER A 224 -7.71 9.05 2.76
C SER A 224 -7.61 10.03 3.95
N ALA A 225 -7.47 11.32 3.66
CA ALA A 225 -7.44 12.32 4.73
C ALA A 225 -8.79 12.41 5.38
N THR A 226 -9.88 12.25 4.61
CA THR A 226 -11.23 12.29 5.18
C THR A 226 -12.14 11.30 4.49
N MET A 227 -13.28 11.03 5.13
CA MET A 227 -14.34 10.28 4.51
C MET A 227 -15.32 11.23 3.87
N THR A 228 -15.57 11.02 2.59
CA THR A 228 -16.57 11.76 1.84
C THR A 228 -17.47 10.74 1.12
N LYS A 229 -18.58 11.21 0.56
CA LYS A 229 -19.47 10.36 -0.21
C LYS A 229 -18.72 9.64 -1.34
N LYS A 230 -17.84 10.34 -2.01
CA LYS A 230 -17.09 9.73 -3.12
C LYS A 230 -16.11 8.64 -2.64
N VAL A 231 -15.40 8.92 -1.56
CA VAL A 231 -14.53 7.92 -0.95
C VAL A 231 -15.35 6.73 -0.39
N GLN A 232 -16.53 7.00 0.18
CA GLN A 232 -17.33 5.89 0.70
CA GLN A 232 -17.42 5.95 0.68
C GLN A 232 -17.85 5.00 -0.43
N LYS A 233 -18.16 5.57 -1.60
CA LYS A 233 -18.54 4.77 -2.73
C LYS A 233 -17.37 3.84 -3.12
N LEU A 234 -16.15 4.38 -3.16
CA LEU A 234 -15.00 3.58 -3.54
C LEU A 234 -14.73 2.51 -2.50
N GLN A 235 -14.80 2.85 -1.22
CA GLN A 235 -14.50 1.83 -0.24
C GLN A 235 -15.51 0.69 -0.31
N ARG A 236 -16.78 1.01 -0.58
CA ARG A 236 -17.80 -0.05 -0.69
C ARG A 236 -17.58 -0.90 -1.95
N ALA A 237 -16.88 -0.36 -2.96
CA ALA A 237 -16.56 -1.10 -4.19
C ALA A 237 -15.29 -1.94 -4.07
N ALA A 238 -14.41 -1.62 -3.12
CA ALA A 238 -13.05 -2.16 -3.18
C ALA A 238 -12.61 -2.88 -1.93
N LEU A 239 -13.35 -2.76 -0.83
CA LEU A 239 -12.94 -3.36 0.45
C LEU A 239 -14.00 -4.30 0.98
N LYS A 240 -13.56 -5.33 1.69
CA LYS A 240 -14.46 -6.30 2.31
C LYS A 240 -14.33 -6.23 3.82
N ASN A 241 -15.44 -5.93 4.50
CA ASN A 241 -15.47 -5.91 5.96
C ASN A 241 -14.26 -5.15 6.55
N PRO A 242 -14.00 -3.91 6.08
CA PRO A 242 -12.76 -3.26 6.55
C PRO A 242 -12.90 -2.76 7.99
N VAL A 243 -11.77 -2.62 8.66
CA VAL A 243 -11.72 -1.93 9.94
C VAL A 243 -11.30 -0.49 9.67
N LYS A 244 -12.03 0.48 10.26
CA LYS A 244 -11.70 1.89 10.10
C LYS A 244 -10.70 2.33 11.15
N CYS A 245 -9.56 2.82 10.67
CA CYS A 245 -8.44 3.25 11.51
C CYS A 245 -8.20 4.73 11.32
N ALA A 246 -8.55 5.57 12.31
CA ALA A 246 -8.48 7.01 12.14
C ALA A 246 -7.43 7.60 13.12
N VAL A 247 -6.61 8.53 12.63
CA VAL A 247 -5.72 9.26 13.54
C VAL A 247 -5.74 10.74 13.16
N SER A 248 -5.37 11.60 14.12
CA SER A 248 -5.18 13.02 13.85
C SER A 248 -3.71 13.40 13.66
N SER A 249 -2.80 12.46 13.95
CA SER A 249 -1.37 12.71 13.80
C SER A 249 -0.62 11.40 13.70
#